data_5PO2
#
_entry.id   5PO2
#
_cell.length_a   55.530
_cell.length_b   56.680
_cell.length_c   101.780
_cell.angle_alpha   90.000
_cell.angle_beta   90.000
_cell.angle_gamma   90.000
#
_symmetry.space_group_name_H-M   'P 21 21 21'
#
loop_
_entity.id
_entity.type
_entity.pdbx_description
1 polymer 'Bromodomain-containing protein 1'
2 non-polymer 1,2-ETHANEDIOL
3 non-polymer 5-hydroxy-1,3-dihydro-2H-indol-2-one
4 non-polymer 'SODIUM ION'
5 water water
#
_entity_poly.entity_id   1
_entity_poly.type   'polypeptide(L)'
_entity_poly.pdbx_seq_one_letter_code
;MHHHHHHSSGVDLGTENLYFQSMEQVAMELRLTELTRLLRSVLDQLQDKDPARIFAQPVSLKEVPDYLDHIKHPMDFATM
RKRLEAQGYKNLHEFEEDFDLIIDNCMKYNARDTVFYRAAVRLRDQGGVVLRQARREVDSIGLEEASGMHLPERPA
;
_entity_poly.pdbx_strand_id   A,B
#
# COMPACT_ATOMS: atom_id res chain seq x y z
N SER A 22 20.17 -30.46 5.80
CA SER A 22 21.34 -29.93 6.48
C SER A 22 20.97 -29.43 7.86
N MET A 23 21.96 -29.23 8.72
CA MET A 23 21.70 -28.66 10.03
CA MET A 23 21.68 -28.66 10.03
C MET A 23 21.24 -27.22 9.87
N GLU A 24 21.83 -26.51 8.90
CA GLU A 24 21.49 -25.11 8.68
C GLU A 24 20.00 -24.96 8.32
N GLN A 25 19.50 -25.85 7.47
CA GLN A 25 18.09 -25.81 7.07
C GLN A 25 17.20 -26.01 8.29
N VAL A 26 17.53 -26.98 9.12
CA VAL A 26 16.79 -27.24 10.35
C VAL A 26 16.79 -26.03 11.29
N ALA A 27 17.96 -25.41 11.44
CA ALA A 27 18.11 -24.24 12.30
C ALA A 27 17.20 -23.12 11.80
N MET A 28 17.19 -22.90 10.49
CA MET A 28 16.35 -21.86 9.90
C MET A 28 14.87 -22.19 10.08
N GLU A 29 14.54 -23.46 10.02
CA GLU A 29 13.18 -23.89 10.22
C GLU A 29 12.75 -23.70 11.68
N LEU A 30 13.69 -23.86 12.60
CA LEU A 30 13.38 -23.61 14.01
C LEU A 30 13.08 -22.14 14.25
N ARG A 31 13.87 -21.28 13.59
CA ARG A 31 13.69 -19.84 13.67
C ARG A 31 12.31 -19.46 13.15
N LEU A 32 11.94 -19.99 11.99
CA LEU A 32 10.62 -19.74 11.41
C LEU A 32 9.50 -20.21 12.34
N THR A 33 9.68 -21.39 12.92
CA THR A 33 8.69 -21.92 13.86
C THR A 33 8.56 -21.00 15.08
N GLU A 34 9.69 -20.46 15.51
CA GLU A 34 9.71 -19.52 16.62
C GLU A 34 9.01 -18.21 16.25
N LEU A 35 9.30 -17.71 15.06
CA LEU A 35 8.65 -16.48 14.58
C LEU A 35 7.13 -16.69 14.54
N THR A 36 6.73 -17.86 14.05
CA THR A 36 5.32 -18.21 13.92
C THR A 36 4.64 -18.22 15.30
N ARG A 37 5.34 -18.71 16.31
CA ARG A 37 4.82 -18.69 17.68
C ARG A 37 4.62 -17.25 18.16
N LEU A 38 5.56 -16.37 17.86
CA LEU A 38 5.47 -14.98 18.30
C LEU A 38 4.33 -14.27 17.56
N LEU A 39 4.24 -14.51 16.25
CA LEU A 39 3.21 -13.87 15.44
C LEU A 39 1.82 -14.38 15.80
N ARG A 40 1.73 -15.62 16.26
CA ARG A 40 0.45 -16.13 16.71
C ARG A 40 -0.02 -15.38 17.95
N SER A 41 0.91 -15.08 18.86
CA SER A 41 0.61 -14.29 20.04
C SER A 41 0.20 -12.86 19.64
N VAL A 42 0.95 -12.27 18.71
CA VAL A 42 0.60 -10.94 18.19
C VAL A 42 -0.80 -10.95 17.57
N LEU A 43 -1.07 -11.94 16.72
CA LEU A 43 -2.36 -12.02 16.04
C LEU A 43 -3.50 -12.12 17.04
N ASP A 44 -3.32 -12.92 18.09
CA ASP A 44 -4.36 -13.04 19.12
C ASP A 44 -4.59 -11.70 19.82
N GLN A 45 -3.51 -10.99 20.12
CA GLN A 45 -3.62 -9.70 20.77
C GLN A 45 -4.30 -8.67 19.88
N LEU A 46 -4.00 -8.72 18.58
CA LEU A 46 -4.62 -7.78 17.65
C LEU A 46 -6.10 -8.07 17.50
N GLN A 47 -6.45 -9.35 17.40
CA GLN A 47 -7.85 -9.70 17.20
C GLN A 47 -8.68 -9.38 18.45
N ASP A 48 -8.06 -9.35 19.61
CA ASP A 48 -8.76 -8.97 20.84
C ASP A 48 -9.23 -7.51 20.78
N LYS A 49 -8.60 -6.72 19.93
CA LYS A 49 -8.94 -5.31 19.78
C LYS A 49 -10.07 -5.12 18.78
N ASP A 50 -10.63 -6.23 18.32
CA ASP A 50 -11.80 -6.27 17.43
C ASP A 50 -12.90 -7.10 18.08
N PRO A 51 -13.43 -6.61 19.21
CA PRO A 51 -14.36 -7.48 19.93
C PRO A 51 -15.70 -7.62 19.20
N ALA A 52 -15.97 -6.72 18.25
CA ALA A 52 -17.18 -6.83 17.43
C ALA A 52 -17.06 -7.89 16.34
N ARG A 53 -15.83 -8.38 16.13
CA ARG A 53 -15.50 -9.39 15.12
C ARG A 53 -15.84 -8.92 13.70
N ILE A 54 -15.71 -7.62 13.50
CA ILE A 54 -15.93 -7.02 12.20
C ILE A 54 -14.90 -7.51 11.16
N PHE A 55 -13.69 -7.80 11.63
CA PHE A 55 -12.60 -8.20 10.73
C PHE A 55 -12.24 -9.69 10.82
N ALA A 56 -13.09 -10.46 11.48
CA ALA A 56 -12.81 -11.87 11.73
C ALA A 56 -12.80 -12.73 10.47
N GLN A 57 -13.64 -12.39 9.50
CA GLN A 57 -13.84 -13.22 8.31
C GLN A 57 -13.76 -12.40 7.02
N PRO A 58 -13.49 -13.07 5.87
CA PRO A 58 -13.53 -12.32 4.61
C PRO A 58 -14.89 -11.66 4.39
N VAL A 59 -14.88 -10.47 3.81
CA VAL A 59 -16.11 -9.83 3.41
C VAL A 59 -16.82 -10.78 2.43
N SER A 60 -18.10 -11.02 2.69
CA SER A 60 -18.91 -11.93 1.89
C SER A 60 -19.27 -11.36 0.53
N LEU A 61 -18.92 -12.08 -0.54
CA LEU A 61 -19.19 -11.61 -1.88
C LEU A 61 -20.66 -11.86 -2.23
N LYS A 62 -21.35 -12.57 -1.34
CA LYS A 62 -22.80 -12.72 -1.46
C LYS A 62 -23.49 -11.52 -0.83
N GLU A 63 -23.00 -11.09 0.33
CA GLU A 63 -23.54 -9.92 1.02
C GLU A 63 -23.09 -8.60 0.39
N VAL A 64 -21.91 -8.60 -0.23
CA VAL A 64 -21.36 -7.41 -0.89
C VAL A 64 -20.80 -7.80 -2.26
N PRO A 65 -21.69 -7.97 -3.25
CA PRO A 65 -21.26 -8.53 -4.54
C PRO A 65 -20.26 -7.68 -5.33
N ASP A 66 -20.22 -6.37 -5.09
CA ASP A 66 -19.32 -5.51 -5.87
C ASP A 66 -17.97 -5.28 -5.17
N TYR A 67 -17.74 -5.97 -4.05
CA TYR A 67 -16.58 -5.64 -3.21
C TYR A 67 -15.25 -5.67 -3.98
N LEU A 68 -15.07 -6.65 -4.87
CA LEU A 68 -13.79 -6.81 -5.56
C LEU A 68 -13.58 -5.75 -6.64
N ASP A 69 -14.65 -5.03 -7.00
CA ASP A 69 -14.50 -3.87 -7.89
C ASP A 69 -13.84 -2.72 -7.15
N HIS A 70 -13.96 -2.72 -5.82
CA HIS A 70 -13.42 -1.64 -4.98
C HIS A 70 -12.08 -1.99 -4.37
N ILE A 71 -12.01 -3.19 -3.82
CA ILE A 71 -10.84 -3.63 -3.06
C ILE A 71 -10.12 -4.76 -3.79
N LYS A 72 -8.87 -4.52 -4.15
CA LYS A 72 -8.16 -5.46 -5.01
C LYS A 72 -7.46 -6.57 -4.25
N HIS A 73 -7.17 -6.32 -2.98
CA HIS A 73 -6.54 -7.33 -2.14
C HIS A 73 -7.22 -7.43 -0.78
N PRO A 74 -8.35 -8.15 -0.73
CA PRO A 74 -9.09 -8.38 0.51
C PRO A 74 -8.23 -9.08 1.55
N MET A 75 -8.50 -8.79 2.82
CA MET A 75 -7.80 -9.47 3.90
C MET A 75 -8.70 -9.46 5.14
N ASP A 76 -8.43 -10.41 6.04
CA ASP A 76 -9.20 -10.57 7.27
C ASP A 76 -8.39 -11.44 8.23
N PHE A 77 -8.83 -11.52 9.48
CA PHE A 77 -8.06 -12.26 10.48
C PHE A 77 -8.04 -13.79 10.22
N ALA A 78 -9.13 -14.35 9.70
CA ALA A 78 -9.16 -15.78 9.42
C ALA A 78 -8.16 -16.16 8.32
N THR A 79 -8.10 -15.33 7.29
CA THR A 79 -7.16 -15.55 6.20
C THR A 79 -5.71 -15.43 6.69
N MET A 80 -5.43 -14.46 7.56
CA MET A 80 -4.08 -14.32 8.13
C MET A 80 -3.71 -15.56 8.94
N ARG A 81 -4.67 -16.04 9.71
CA ARG A 81 -4.44 -17.18 10.58
C ARG A 81 -4.09 -18.44 9.77
N LYS A 82 -4.77 -18.61 8.63
CA LYS A 82 -4.46 -19.71 7.72
C LYS A 82 -3.03 -19.63 7.20
N ARG A 83 -2.64 -18.44 6.73
CA ARG A 83 -1.28 -18.26 6.25
C ARG A 83 -0.28 -18.47 7.38
N LEU A 84 -0.62 -17.99 8.59
CA LEU A 84 0.26 -18.12 9.74
C LEU A 84 0.53 -19.56 10.11
N GLU A 85 -0.52 -20.38 10.15
CA GLU A 85 -0.37 -21.77 10.55
C GLU A 85 0.31 -22.61 9.47
N ALA A 86 0.38 -22.08 8.26
CA ALA A 86 1.16 -22.70 7.21
C ALA A 86 2.61 -22.19 7.24
N GLN A 87 2.96 -21.50 8.31
CA GLN A 87 4.24 -20.80 8.43
C GLN A 87 4.55 -19.95 7.20
N GLY A 88 3.55 -19.18 6.76
CA GLY A 88 3.65 -18.41 5.53
C GLY A 88 4.13 -16.97 5.70
N TYR A 89 4.41 -16.56 6.93
CA TYR A 89 5.01 -15.25 7.16
C TYR A 89 6.51 -15.40 7.46
N LYS A 90 7.35 -14.94 6.54
CA LYS A 90 8.80 -15.11 6.67
C LYS A 90 9.43 -14.09 7.63
N ASN A 91 8.75 -12.96 7.81
CA ASN A 91 9.22 -11.89 8.69
C ASN A 91 8.04 -11.07 9.20
N LEU A 92 8.28 -10.18 10.16
CA LEU A 92 7.21 -9.34 10.71
C LEU A 92 6.64 -8.39 9.67
N HIS A 93 7.47 -7.89 8.77
CA HIS A 93 6.98 -6.96 7.75
C HIS A 93 5.83 -7.57 6.94
N GLU A 94 5.97 -8.82 6.53
CA GLU A 94 4.93 -9.49 5.74
C GLU A 94 3.60 -9.58 6.50
N PHE A 95 3.69 -9.91 7.79
CA PHE A 95 2.54 -9.97 8.69
C PHE A 95 1.88 -8.60 8.82
N GLU A 96 2.70 -7.59 9.04
CA GLU A 96 2.20 -6.22 9.15
C GLU A 96 1.51 -5.71 7.87
N GLU A 97 2.03 -6.13 6.72
N GLU A 97 1.98 -6.13 6.71
CA GLU A 97 1.41 -5.78 5.44
CA GLU A 97 1.35 -5.67 5.47
C GLU A 97 -0.04 -6.23 5.41
C GLU A 97 -0.04 -6.28 5.28
N ASP A 98 -0.27 -7.47 5.84
CA ASP A 98 -1.61 -8.05 5.81
C ASP A 98 -2.52 -7.36 6.83
N PHE A 99 -1.97 -7.06 8.01
CA PHE A 99 -2.76 -6.35 9.03
C PHE A 99 -3.16 -4.99 8.50
N ASP A 100 -2.22 -4.30 7.85
CA ASP A 100 -2.53 -2.99 7.31
C ASP A 100 -3.60 -3.08 6.21
N LEU A 101 -3.62 -4.18 5.46
CA LEU A 101 -4.65 -4.36 4.42
C LEU A 101 -6.04 -4.40 5.03
N ILE A 102 -6.16 -5.05 6.19
CA ILE A 102 -7.45 -5.14 6.85
C ILE A 102 -7.99 -3.75 7.15
N ILE A 103 -7.13 -2.92 7.72
CA ILE A 103 -7.46 -1.57 8.13
CA ILE A 103 -7.50 -1.58 8.13
C ILE A 103 -7.71 -0.68 6.92
N ASP A 104 -6.77 -0.70 6.00
CA ASP A 104 -6.83 0.22 4.87
C ASP A 104 -7.98 -0.08 3.92
N ASN A 105 -8.26 -1.36 3.68
CA ASN A 105 -9.39 -1.74 2.84
C ASN A 105 -10.69 -1.20 3.43
N CYS A 106 -10.82 -1.35 4.73
CA CYS A 106 -12.04 -0.94 5.43
C CYS A 106 -12.25 0.58 5.36
N MET A 107 -11.16 1.34 5.54
CA MET A 107 -11.27 2.79 5.56
C MET A 107 -11.48 3.34 4.16
N LYS A 108 -11.30 2.51 3.13
CA LYS A 108 -11.62 2.97 1.79
CA LYS A 108 -11.60 2.89 1.75
C LYS A 108 -13.07 2.64 1.43
N TYR A 109 -13.49 1.40 1.68
CA TYR A 109 -14.82 0.97 1.28
C TYR A 109 -15.90 1.67 2.08
N ASN A 110 -15.61 1.91 3.36
CA ASN A 110 -16.62 2.48 4.24
C ASN A 110 -16.39 3.95 4.53
N ALA A 111 -17.49 4.69 4.66
CA ALA A 111 -17.38 6.12 4.94
C ALA A 111 -16.97 6.37 6.38
N ARG A 112 -16.51 7.59 6.62
CA ARG A 112 -16.01 8.01 7.92
C ARG A 112 -17.01 7.87 9.08
N ASP A 113 -18.30 7.99 8.77
CA ASP A 113 -19.31 8.01 9.81
C ASP A 113 -19.94 6.63 10.03
N THR A 114 -19.21 5.57 9.72
CA THR A 114 -19.78 4.23 9.83
C THR A 114 -19.10 3.48 10.96
N VAL A 115 -19.81 2.49 11.50
CA VAL A 115 -19.26 1.68 12.59
C VAL A 115 -18.06 0.89 12.08
N PHE A 116 -18.06 0.58 10.79
CA PHE A 116 -16.95 -0.17 10.17
C PHE A 116 -15.67 0.66 10.14
N TYR A 117 -15.75 1.86 9.61
CA TYR A 117 -14.58 2.73 9.53
C TYR A 117 -14.04 2.99 10.93
N ARG A 118 -14.95 3.26 11.86
CA ARG A 118 -14.53 3.66 13.19
C ARG A 118 -13.87 2.48 13.89
N ALA A 119 -14.31 1.26 13.59
CA ALA A 119 -13.70 0.07 14.17
C ALA A 119 -12.28 -0.11 13.65
N ALA A 120 -12.08 0.21 12.37
CA ALA A 120 -10.74 0.12 11.78
C ALA A 120 -9.78 1.10 12.45
N VAL A 121 -10.25 2.34 12.66
CA VAL A 121 -9.41 3.35 13.30
C VAL A 121 -8.97 2.89 14.68
N ARG A 122 -9.92 2.34 15.43
CA ARG A 122 -9.64 1.89 16.79
C ARG A 122 -8.67 0.72 16.79
N LEU A 123 -8.88 -0.21 15.86
CA LEU A 123 -7.97 -1.36 15.72
C LEU A 123 -6.56 -0.93 15.33
N ARG A 124 -6.45 0.02 14.40
CA ARG A 124 -5.16 0.59 14.02
CA ARG A 124 -5.14 0.55 14.04
C ARG A 124 -4.45 1.20 15.23
N ASP A 125 -5.20 2.01 15.97
CA ASP A 125 -4.62 2.74 17.09
C ASP A 125 -4.15 1.84 18.22
N GLN A 126 -4.94 0.80 18.54
CA GLN A 126 -4.74 0.02 19.74
C GLN A 126 -3.63 -0.97 19.41
N GLY A 127 -3.58 -1.29 18.11
CA GLY A 127 -2.74 -2.34 17.58
C GLY A 127 -1.33 -1.84 17.38
N GLY A 128 -1.16 -0.54 17.19
CA GLY A 128 0.16 0.04 17.06
C GLY A 128 1.04 -0.28 18.25
N VAL A 129 0.44 -0.29 19.43
CA VAL A 129 1.14 -0.60 20.68
C VAL A 129 1.74 -2.01 20.64
N VAL A 130 0.91 -2.97 20.25
CA VAL A 130 1.29 -4.37 20.18
C VAL A 130 2.39 -4.58 19.14
N LEU A 131 2.25 -3.96 17.99
CA LEU A 131 3.21 -4.09 16.90
C LEU A 131 4.53 -3.37 17.20
N ARG A 132 4.47 -2.30 17.98
CA ARG A 132 5.68 -1.60 18.38
C ARG A 132 6.58 -2.52 19.21
N GLN A 133 5.97 -3.31 20.09
CA GLN A 133 6.73 -4.21 20.96
C GLN A 133 7.19 -5.44 20.18
N ALA A 134 6.32 -5.93 19.31
CA ALA A 134 6.64 -7.09 18.50
C ALA A 134 7.90 -6.85 17.69
N ARG A 135 8.03 -5.64 17.16
CA ARG A 135 9.22 -5.29 16.37
C ARG A 135 10.49 -5.36 17.22
N ARG A 136 10.42 -4.83 18.43
CA ARG A 136 11.55 -4.89 19.35
C ARG A 136 11.91 -6.34 19.70
N GLU A 137 10.90 -7.18 19.92
CA GLU A 137 11.13 -8.57 20.31
C GLU A 137 11.71 -9.41 19.17
N VAL A 138 11.27 -9.16 17.96
CA VAL A 138 11.77 -9.91 16.81
C VAL A 138 13.23 -9.56 16.57
N ASP A 139 13.55 -8.28 16.67
CA ASP A 139 14.93 -7.81 16.53
C ASP A 139 15.85 -8.37 17.62
N SER A 140 15.40 -8.29 18.87
CA SER A 140 16.23 -8.70 20.01
C SER A 140 16.47 -10.21 20.00
N ILE A 141 15.40 -10.99 19.84
CA ILE A 141 15.53 -12.44 19.78
C ILE A 141 16.15 -12.88 18.45
N GLY A 142 16.13 -12.00 17.46
CA GLY A 142 16.67 -12.30 16.14
C GLY A 142 15.92 -13.43 15.46
N LEU A 143 14.69 -13.17 15.05
CA LEU A 143 13.84 -14.22 14.48
C LEU A 143 13.68 -14.13 12.96
N GLU A 144 14.37 -13.19 12.33
CA GLU A 144 14.26 -13.02 10.88
C GLU A 144 15.59 -12.69 10.23
N SER B 22 34.91 6.37 -16.15
CA SER B 22 34.94 4.92 -16.30
C SER B 22 33.69 4.45 -17.04
N MET B 23 33.74 3.26 -17.64
N MET B 23 33.78 3.27 -17.64
CA MET B 23 32.58 2.74 -18.34
CA MET B 23 32.65 2.64 -18.32
C MET B 23 31.46 2.39 -17.37
C MET B 23 31.49 2.42 -17.37
N GLU B 24 31.81 2.13 -16.11
CA GLU B 24 30.81 1.88 -15.08
C GLU B 24 30.01 3.17 -14.77
N GLN B 25 30.70 4.31 -14.73
CA GLN B 25 30.02 5.60 -14.53
C GLN B 25 29.09 5.91 -15.70
N VAL B 26 29.58 5.66 -16.89
CA VAL B 26 28.79 5.85 -18.10
C VAL B 26 27.51 5.03 -18.04
N ALA B 27 27.63 3.74 -17.69
CA ALA B 27 26.46 2.90 -17.65
C ALA B 27 25.46 3.39 -16.59
N MET B 28 25.96 3.82 -15.44
CA MET B 28 25.07 4.29 -14.38
CA MET B 28 25.09 4.31 -14.37
C MET B 28 24.32 5.56 -14.79
N GLU B 29 25.03 6.48 -15.44
CA GLU B 29 24.39 7.71 -15.90
C GLU B 29 23.37 7.40 -16.98
N LEU B 30 23.66 6.45 -17.87
CA LEU B 30 22.68 6.04 -18.87
C LEU B 30 21.43 5.45 -18.21
N ARG B 31 21.62 4.61 -17.19
CA ARG B 31 20.45 4.02 -16.53
C ARG B 31 19.62 5.08 -15.82
N LEU B 32 20.29 6.09 -15.28
CA LEU B 32 19.60 7.25 -14.66
C LEU B 32 18.76 8.01 -15.66
N THR B 33 19.35 8.32 -16.80
CA THR B 33 18.65 9.18 -17.75
C THR B 33 17.50 8.43 -18.44
N GLU B 34 17.68 7.12 -18.63
CA GLU B 34 16.63 6.32 -19.24
C GLU B 34 15.47 6.07 -18.28
N LEU B 35 15.77 5.88 -17.00
CA LEU B 35 14.72 5.81 -16.00
C LEU B 35 13.91 7.10 -16.01
N THR B 36 14.60 8.24 -16.01
CA THR B 36 13.89 9.52 -15.97
C THR B 36 13.00 9.70 -17.21
N ARG B 37 13.51 9.33 -18.38
CA ARG B 37 12.74 9.38 -19.62
CA ARG B 37 12.73 9.39 -19.61
C ARG B 37 11.45 8.56 -19.49
N LEU B 38 11.60 7.34 -19.00
CA LEU B 38 10.46 6.45 -18.81
C LEU B 38 9.43 7.03 -17.84
N LEU B 39 9.89 7.47 -16.66
CA LEU B 39 8.96 7.98 -15.66
C LEU B 39 8.26 9.24 -16.13
N ARG B 40 8.95 10.07 -16.90
CA ARG B 40 8.35 11.29 -17.44
C ARG B 40 7.17 10.94 -18.35
N SER B 41 7.39 9.94 -19.20
CA SER B 41 6.35 9.49 -20.12
C SER B 41 5.17 8.85 -19.35
N VAL B 42 5.50 8.06 -18.33
CA VAL B 42 4.46 7.46 -17.50
C VAL B 42 3.63 8.53 -16.78
N LEU B 43 4.31 9.49 -16.16
CA LEU B 43 3.57 10.56 -15.49
C LEU B 43 2.69 11.36 -16.47
N ASP B 44 3.18 11.62 -17.67
N ASP B 44 3.20 11.61 -17.66
CA ASP B 44 2.38 12.35 -18.64
CA ASP B 44 2.45 12.31 -18.70
C ASP B 44 1.16 11.53 -19.04
C ASP B 44 1.18 11.54 -19.04
N GLN B 45 1.34 10.23 -19.22
CA GLN B 45 0.21 9.35 -19.55
C GLN B 45 -0.83 9.33 -18.44
N LEU B 46 -0.38 9.33 -17.19
CA LEU B 46 -1.31 9.28 -16.06
C LEU B 46 -2.08 10.61 -15.97
N GLN B 47 -1.37 11.74 -16.04
CA GLN B 47 -2.05 13.05 -15.96
C GLN B 47 -3.01 13.30 -17.11
N ASP B 48 -2.67 12.82 -18.30
CA ASP B 48 -3.53 13.01 -19.46
CA ASP B 48 -3.52 12.97 -19.47
C ASP B 48 -4.90 12.37 -19.24
N LYS B 49 -4.98 11.42 -18.30
CA LYS B 49 -6.25 10.76 -18.01
C LYS B 49 -7.05 11.48 -16.93
N ASP B 50 -6.54 12.64 -16.50
CA ASP B 50 -7.21 13.46 -15.48
C ASP B 50 -7.46 14.89 -15.99
N PRO B 51 -8.25 15.02 -17.07
CA PRO B 51 -8.50 16.36 -17.64
C PRO B 51 -9.25 17.29 -16.68
N ALA B 52 -9.97 16.73 -15.71
CA ALA B 52 -10.65 17.55 -14.71
C ALA B 52 -9.68 18.09 -13.66
N ARG B 53 -8.43 17.65 -13.72
CA ARG B 53 -7.37 18.13 -12.83
CA ARG B 53 -7.37 18.13 -12.83
C ARG B 53 -7.68 17.87 -11.35
N ILE B 54 -8.42 16.79 -11.09
CA ILE B 54 -8.76 16.41 -9.72
C ILE B 54 -7.50 16.10 -8.88
N PHE B 55 -6.50 15.52 -9.55
CA PHE B 55 -5.29 15.03 -8.87
C PHE B 55 -4.06 15.84 -9.24
N ALA B 56 -4.27 16.98 -9.90
CA ALA B 56 -3.16 17.76 -10.47
C ALA B 56 -2.30 18.49 -9.42
N GLN B 57 -2.95 18.96 -8.36
CA GLN B 57 -2.33 19.83 -7.36
C GLN B 57 -2.67 19.34 -5.97
N PRO B 58 -1.89 19.75 -4.96
CA PRO B 58 -2.26 19.40 -3.59
C PRO B 58 -3.67 19.85 -3.26
N VAL B 59 -4.40 19.02 -2.52
CA VAL B 59 -5.71 19.41 -2.00
C VAL B 59 -5.56 20.67 -1.15
N SER B 60 -6.43 21.65 -1.37
CA SER B 60 -6.36 22.92 -0.65
C SER B 60 -6.97 22.83 0.74
N LEU B 61 -6.18 23.18 1.75
CA LEU B 61 -6.66 23.23 3.12
C LEU B 61 -7.71 24.34 3.29
N LYS B 62 -7.63 25.37 2.47
CA LYS B 62 -8.63 26.42 2.50
C LYS B 62 -9.98 25.88 2.01
N GLU B 63 -9.93 25.03 0.99
CA GLU B 63 -11.16 24.44 0.44
C GLU B 63 -11.62 23.23 1.24
N VAL B 64 -10.66 22.49 1.81
CA VAL B 64 -10.95 21.27 2.55
C VAL B 64 -10.24 21.29 3.89
N PRO B 65 -10.79 22.03 4.87
CA PRO B 65 -10.04 22.27 6.11
C PRO B 65 -9.79 21.01 6.97
N ASP B 66 -10.58 19.97 6.80
CA ASP B 66 -10.34 18.78 7.62
C ASP B 66 -9.49 17.71 6.93
N TYR B 67 -8.90 18.04 5.78
CA TYR B 67 -8.21 17.01 5.00
C TYR B 67 -7.08 16.31 5.76
N LEU B 68 -6.25 17.09 6.45
CA LEU B 68 -5.12 16.51 7.17
C LEU B 68 -5.51 15.83 8.48
N ASP B 69 -6.75 16.02 8.93
CA ASP B 69 -7.24 15.22 10.06
C ASP B 69 -7.23 13.75 9.71
N HIS B 70 -7.38 13.46 8.41
CA HIS B 70 -7.61 12.09 7.98
C HIS B 70 -6.51 11.54 7.07
N ILE B 71 -5.90 12.41 6.29
CA ILE B 71 -4.87 11.98 5.35
C ILE B 71 -3.48 12.34 5.87
N LYS B 72 -2.67 11.33 6.16
CA LYS B 72 -1.37 11.55 6.79
C LYS B 72 -0.26 11.92 5.81
N HIS B 73 -0.35 11.40 4.59
CA HIS B 73 0.66 11.73 3.56
C HIS B 73 0.02 12.14 2.24
N PRO B 74 -0.30 13.43 2.11
CA PRO B 74 -0.91 13.94 0.87
C PRO B 74 -0.01 13.72 -0.34
N MET B 75 -0.61 13.53 -1.50
CA MET B 75 0.17 13.42 -2.74
C MET B 75 -0.69 13.88 -3.94
N ASP B 76 -0.02 14.28 -5.01
CA ASP B 76 -0.63 14.82 -6.21
C ASP B 76 0.38 14.80 -7.33
N PHE B 77 -0.09 15.00 -8.57
CA PHE B 77 0.76 14.87 -9.74
C PHE B 77 1.86 15.94 -9.80
N ALA B 78 1.56 17.17 -9.37
CA ALA B 78 2.59 18.21 -9.38
C ALA B 78 3.74 17.89 -8.44
N THR B 79 3.41 17.37 -7.27
CA THR B 79 4.42 17.00 -6.28
C THR B 79 5.24 15.83 -6.83
N MET B 80 4.61 14.92 -7.56
CA MET B 80 5.36 13.82 -8.18
C MET B 80 6.31 14.33 -9.26
N ARG B 81 5.85 15.28 -10.05
CA ARG B 81 6.68 15.83 -11.13
C ARG B 81 7.91 16.53 -10.55
N LYS B 82 7.71 17.23 -9.44
CA LYS B 82 8.79 17.91 -8.74
C LYS B 82 9.84 16.91 -8.27
N ARG B 83 9.39 15.80 -7.68
CA ARG B 83 10.29 14.75 -7.24
C ARG B 83 11.03 14.10 -8.41
N LEU B 84 10.29 13.80 -9.47
CA LEU B 84 10.87 13.22 -10.67
C LEU B 84 11.98 14.09 -11.26
N GLU B 85 11.70 15.37 -11.46
CA GLU B 85 12.63 16.23 -12.18
C GLU B 85 13.83 16.57 -11.31
N ALA B 86 13.67 16.40 -10.00
CA ALA B 86 14.75 16.62 -9.04
C ALA B 86 15.61 15.37 -8.83
N GLN B 87 15.36 14.33 -9.62
CA GLN B 87 16.09 13.06 -9.52
C GLN B 87 15.78 12.33 -8.22
N GLY B 88 14.57 12.47 -7.70
CA GLY B 88 14.18 11.87 -6.43
C GLY B 88 13.53 10.48 -6.46
N TYR B 89 13.37 9.92 -7.66
CA TYR B 89 12.90 8.53 -7.79
C TYR B 89 14.07 7.62 -8.18
N LYS B 90 14.45 6.71 -7.29
CA LYS B 90 15.56 5.80 -7.54
C LYS B 90 15.17 4.66 -8.47
N ASN B 91 13.89 4.32 -8.47
CA ASN B 91 13.38 3.19 -9.26
C ASN B 91 11.88 3.34 -9.50
N LEU B 92 11.33 2.46 -10.33
CA LEU B 92 9.90 2.54 -10.68
C LEU B 92 9.02 2.33 -9.46
N HIS B 93 9.44 1.46 -8.54
CA HIS B 93 8.60 1.17 -7.39
C HIS B 93 8.34 2.41 -6.55
N GLU B 94 9.36 3.24 -6.34
CA GLU B 94 9.18 4.48 -5.57
C GLU B 94 8.14 5.39 -6.24
N PHE B 95 8.17 5.44 -7.57
CA PHE B 95 7.19 6.19 -8.34
C PHE B 95 5.79 5.59 -8.15
N GLU B 96 5.71 4.25 -8.26
CA GLU B 96 4.45 3.55 -8.05
CA GLU B 96 4.45 3.55 -8.05
C GLU B 96 3.84 3.82 -6.67
N GLU B 97 4.70 3.87 -5.65
CA GLU B 97 4.21 4.13 -4.31
C GLU B 97 3.55 5.50 -4.17
N ASP B 98 4.10 6.51 -4.84
CA ASP B 98 3.49 7.85 -4.80
C ASP B 98 2.16 7.86 -5.56
N PHE B 99 2.10 7.16 -6.70
CA PHE B 99 0.83 7.09 -7.43
C PHE B 99 -0.23 6.40 -6.58
N ASP B 100 0.17 5.32 -5.91
CA ASP B 100 -0.77 4.64 -5.02
C ASP B 100 -1.27 5.57 -3.90
N LEU B 101 -0.43 6.49 -3.44
CA LEU B 101 -0.83 7.43 -2.40
C LEU B 101 -1.96 8.31 -2.91
N ILE B 102 -1.80 8.81 -4.14
CA ILE B 102 -2.83 9.64 -4.73
C ILE B 102 -4.18 8.93 -4.73
N ILE B 103 -4.17 7.69 -5.22
CA ILE B 103 -5.39 6.89 -5.34
C ILE B 103 -5.96 6.55 -3.97
N ASP B 104 -5.11 6.02 -3.10
CA ASP B 104 -5.55 5.57 -1.78
C ASP B 104 -6.07 6.71 -0.91
N ASN B 105 -5.40 7.86 -0.94
CA ASN B 105 -5.87 9.02 -0.18
C ASN B 105 -7.26 9.43 -0.61
N CYS B 106 -7.49 9.43 -1.92
CA CYS B 106 -8.77 9.81 -2.47
C CYS B 106 -9.87 8.80 -2.10
N MET B 107 -9.55 7.52 -2.18
CA MET B 107 -10.54 6.50 -1.82
C MET B 107 -10.81 6.48 -0.32
N LYS B 108 -9.84 6.91 0.48
CA LYS B 108 -10.01 6.97 1.92
CA LYS B 108 -10.01 6.98 1.92
C LYS B 108 -10.82 8.20 2.34
N TYR B 109 -10.52 9.34 1.74
CA TYR B 109 -11.18 10.59 2.14
C TYR B 109 -12.63 10.66 1.63
N ASN B 110 -12.89 10.14 0.43
CA ASN B 110 -14.22 10.28 -0.15
C ASN B 110 -15.08 9.03 0.00
N ALA B 111 -16.39 9.21 0.20
CA ALA B 111 -17.29 8.06 0.26
C ALA B 111 -17.38 7.38 -1.10
N ARG B 112 -17.67 6.08 -1.12
CA ARG B 112 -17.56 5.35 -2.38
C ARG B 112 -18.59 5.79 -3.43
N ASP B 113 -19.74 6.27 -3.00
CA ASP B 113 -20.74 6.71 -3.96
C ASP B 113 -20.59 8.21 -4.23
N THR B 114 -19.42 8.61 -4.73
CA THR B 114 -19.12 10.00 -5.07
C THR B 114 -18.33 10.06 -6.39
N VAL B 115 -18.36 11.21 -7.05
CA VAL B 115 -17.66 11.39 -8.31
C VAL B 115 -16.15 11.28 -8.11
N PHE B 116 -15.62 11.90 -7.05
CA PHE B 116 -14.17 11.84 -6.83
C PHE B 116 -13.68 10.43 -6.50
N TYR B 117 -14.43 9.68 -5.70
CA TYR B 117 -14.03 8.28 -5.43
C TYR B 117 -14.04 7.48 -6.73
N ARG B 118 -15.09 7.63 -7.54
CA ARG B 118 -15.12 6.89 -8.80
C ARG B 118 -14.00 7.34 -9.74
N ALA B 119 -13.60 8.60 -9.66
CA ALA B 119 -12.47 9.05 -10.48
C ALA B 119 -11.19 8.35 -10.06
N ALA B 120 -11.01 8.17 -8.76
CA ALA B 120 -9.81 7.49 -8.26
C ALA B 120 -9.81 6.04 -8.70
N VAL B 121 -10.97 5.39 -8.66
CA VAL B 121 -11.07 3.99 -9.10
C VAL B 121 -10.77 3.86 -10.60
N ARG B 122 -11.31 4.79 -11.39
CA ARG B 122 -11.04 4.86 -12.83
C ARG B 122 -9.55 5.02 -13.10
N LEU B 123 -8.93 5.97 -12.42
CA LEU B 123 -7.51 6.25 -12.63
C LEU B 123 -6.64 5.09 -12.13
N ARG B 124 -7.10 4.42 -11.07
CA ARG B 124 -6.36 3.25 -10.58
C ARG B 124 -6.27 2.16 -11.63
N ASP B 125 -7.41 1.85 -12.28
N ASP B 125 -7.39 1.90 -12.31
CA ASP B 125 -7.46 0.83 -13.34
CA ASP B 125 -7.42 0.79 -13.24
C ASP B 125 -6.56 1.22 -14.48
C ASP B 125 -6.75 1.15 -14.58
N GLN B 126 -6.75 2.44 -14.95
CA GLN B 126 -6.03 2.90 -16.12
C GLN B 126 -4.54 2.93 -15.77
N GLY B 127 -4.25 3.42 -14.57
CA GLY B 127 -2.88 3.57 -14.13
C GLY B 127 -2.18 2.24 -13.95
N GLY B 128 -2.91 1.26 -13.46
CA GLY B 128 -2.34 -0.07 -13.29
C GLY B 128 -1.80 -0.62 -14.59
N VAL B 129 -2.54 -0.43 -15.67
CA VAL B 129 -2.11 -0.93 -16.97
C VAL B 129 -0.86 -0.20 -17.42
N VAL B 130 -0.87 1.12 -17.26
CA VAL B 130 0.29 1.93 -17.65
C VAL B 130 1.53 1.48 -16.88
N LEU B 131 1.37 1.24 -15.58
CA LEU B 131 2.50 0.90 -14.72
C LEU B 131 2.99 -0.52 -14.98
N ARG B 132 2.08 -1.43 -15.33
CA ARG B 132 2.52 -2.79 -15.66
C ARG B 132 3.36 -2.79 -16.94
N GLN B 133 2.98 -1.94 -17.89
CA GLN B 133 3.72 -1.76 -19.13
C GLN B 133 5.05 -1.07 -18.84
N ALA B 134 5.05 -0.12 -17.92
CA ALA B 134 6.30 0.49 -17.49
C ALA B 134 7.25 -0.55 -16.90
N ARG B 135 6.72 -1.53 -16.16
CA ARG B 135 7.56 -2.56 -15.57
C ARG B 135 8.20 -3.42 -16.67
N ARG B 136 7.43 -3.71 -17.72
CA ARG B 136 7.97 -4.44 -18.86
C ARG B 136 9.10 -3.65 -19.54
N GLU B 137 8.95 -2.34 -19.60
CA GLU B 137 9.99 -1.50 -20.19
C GLU B 137 11.25 -1.44 -19.32
N VAL B 138 11.07 -1.36 -18.00
CA VAL B 138 12.20 -1.43 -17.08
C VAL B 138 13.02 -2.69 -17.33
N ASP B 139 12.33 -3.81 -17.50
CA ASP B 139 13.04 -5.07 -17.74
C ASP B 139 13.68 -5.11 -19.12
N SER B 140 12.98 -4.61 -20.13
CA SER B 140 13.49 -4.62 -21.50
C SER B 140 14.68 -3.67 -21.68
N ILE B 141 14.63 -2.51 -21.06
CA ILE B 141 15.70 -1.52 -21.18
C ILE B 141 16.90 -1.89 -20.29
N GLY B 142 16.63 -2.61 -19.21
CA GLY B 142 17.67 -3.04 -18.28
C GLY B 142 17.97 -2.07 -17.15
N LEU B 143 16.93 -1.40 -16.66
CA LEU B 143 17.12 -0.31 -15.70
C LEU B 143 17.40 -0.78 -14.27
N GLU B 144 17.12 -2.04 -13.97
CA GLU B 144 17.41 -2.58 -12.64
C GLU B 144 18.40 -3.73 -12.64
#